data_6L9K
#
_entry.id   6L9K
#
_cell.length_a   76.730
_cell.length_b   76.730
_cell.length_c   73.320
_cell.angle_alpha   90.000
_cell.angle_beta   90.000
_cell.angle_gamma   120.000
#
_symmetry.space_group_name_H-M   'P 31 2 1'
#
loop_
_entity.id
_entity.type
_entity.pdbx_description
1 polymer 'H2-Ld a1a2'
2 polymer SER-PRO-SER-TYR-ALA-TYR-HIS-GLN-PHE
3 water water
#
loop_
_entity_poly.entity_id
_entity_poly.type
_entity_poly.pdbx_seq_one_letter_code
_entity_poly.pdbx_strand_id
1 'polypeptide(L)'
;GPHSMRYYETATSRRGLGEPRYTSVGYVDDKEFVRFDSDAENPRYEPQVPWMEQEGPEYWERITQIAKGQEQWFRVNLRT
LLGYYNQSAGGTHTLQRMYGCDVGSDGRLLRGYEQFAYDGCDYIALNEDLRTWTAADMAAQITRRKWEQAGAAEYYRAYL
EGECVEWLHRYLKNG
;
A
2 'polypeptide(L)' SPSYAYHQF Q
#
# COMPACT_ATOMS: atom_id res chain seq x y z
N GLY A 1 2.20 11.91 22.90
CA GLY A 1 1.47 10.68 22.65
C GLY A 1 1.85 10.04 21.34
N PRO A 2 1.30 8.85 21.07
CA PRO A 2 1.66 8.14 19.86
C PRO A 2 1.02 8.77 18.62
N HIS A 3 1.54 8.41 17.46
CA HIS A 3 0.99 8.88 16.19
C HIS A 3 1.05 7.74 15.19
N SER A 4 0.34 7.87 14.09
CA SER A 4 0.29 6.80 13.10
C SER A 4 0.15 7.37 11.70
N MET A 5 0.63 6.62 10.72
CA MET A 5 0.40 6.90 9.32
C MET A 5 0.01 5.59 8.65
N ARG A 6 -0.98 5.64 7.76
CA ARG A 6 -1.39 4.46 7.01
C ARG A 6 -1.74 4.84 5.60
N TYR A 7 -1.43 3.97 4.64
CA TYR A 7 -1.97 4.07 3.30
C TYR A 7 -2.82 2.83 3.03
N TYR A 8 -3.99 3.05 2.43
CA TYR A 8 -4.85 1.96 1.98
C TYR A 8 -4.97 2.07 0.47
N GLU A 9 -4.56 1.01 -0.23
CA GLU A 9 -4.58 0.98 -1.68
C GLU A 9 -5.53 -0.11 -2.10
N THR A 10 -6.37 0.18 -3.09
CA THR A 10 -7.26 -0.83 -3.64
C THR A 10 -7.21 -0.79 -5.15
N ALA A 11 -7.30 -1.96 -5.78
CA ALA A 11 -7.47 -2.01 -7.22
C ALA A 11 -8.60 -2.99 -7.52
N THR A 12 -9.52 -2.55 -8.36
CA THR A 12 -10.69 -3.36 -8.69
C THR A 12 -10.79 -3.56 -10.18
N SER A 13 -10.78 -4.82 -10.62
CA SER A 13 -11.10 -5.08 -12.01
C SER A 13 -12.59 -5.28 -12.14
N ARG A 14 -13.26 -4.40 -12.89
CA ARG A 14 -14.70 -4.56 -13.12
C ARG A 14 -14.95 -5.38 -14.39
N ARG A 15 -15.60 -6.53 -14.20
CA ARG A 15 -15.98 -7.42 -15.30
C ARG A 15 -14.84 -7.73 -16.29
N GLY A 16 -13.60 -7.65 -15.81
CA GLY A 16 -12.43 -7.80 -16.65
C GLY A 16 -12.33 -6.75 -17.76
N LEU A 17 -13.23 -5.77 -17.73
CA LEU A 17 -13.31 -4.77 -18.78
C LEU A 17 -12.38 -3.58 -18.53
N GLY A 18 -11.25 -3.53 -19.24
CA GLY A 18 -10.36 -2.39 -19.21
C GLY A 18 -9.26 -2.39 -18.15
N GLU A 19 -9.00 -1.22 -17.59
CA GLU A 19 -7.98 -1.04 -16.55
C GLU A 19 -8.64 -1.11 -15.19
N PRO A 20 -7.95 -1.72 -14.21
CA PRO A 20 -8.55 -1.71 -12.88
C PRO A 20 -8.71 -0.29 -12.38
N ARG A 21 -9.73 -0.04 -11.58
CA ARG A 21 -9.81 1.23 -10.89
C ARG A 21 -8.85 1.16 -9.70
N TYR A 22 -7.92 2.11 -9.63
CA TYR A 22 -6.95 2.13 -8.53
C TYR A 22 -7.16 3.34 -7.62
N THR A 23 -7.19 3.10 -6.31
CA THR A 23 -7.30 4.19 -5.36
C THR A 23 -6.23 4.04 -4.29
N SER A 24 -5.71 5.17 -3.83
CA SER A 24 -4.82 5.16 -2.68
C SER A 24 -5.23 6.32 -1.77
N VAL A 25 -5.40 6.01 -0.49
CA VAL A 25 -5.76 7.05 0.47
C VAL A 25 -4.76 6.98 1.61
N GLY A 26 -4.19 8.13 1.97
CA GLY A 26 -3.30 8.19 3.12
C GLY A 26 -3.97 8.83 4.32
N TYR A 27 -3.64 8.33 5.52
CA TYR A 27 -4.12 8.85 6.80
C TYR A 27 -2.98 9.14 7.74
N VAL A 28 -3.09 10.25 8.45
CA VAL A 28 -2.21 10.55 9.57
C VAL A 28 -3.10 10.75 10.79
N ASP A 29 -2.83 9.98 11.85
CA ASP A 29 -3.61 10.08 13.09
C ASP A 29 -5.12 9.99 12.81
N ASP A 30 -5.46 9.04 11.93
CA ASP A 30 -6.84 8.73 11.56
C ASP A 30 -7.54 9.88 10.86
N LYS A 31 -6.74 10.70 10.19
CA LYS A 31 -7.26 11.80 9.40
C LYS A 31 -6.75 11.66 7.98
N GLU A 32 -7.66 11.59 7.02
CA GLU A 32 -7.23 11.52 5.62
C GLU A 32 -6.46 12.78 5.21
N PHE A 33 -5.30 12.59 4.57
CA PHE A 33 -4.47 13.74 4.21
C PHE A 33 -4.07 13.81 2.73
N VAL A 34 -4.04 12.66 2.04
CA VAL A 34 -3.81 12.67 0.59
C VAL A 34 -4.66 11.60 -0.05
N ARG A 35 -4.84 11.71 -1.36
CA ARG A 35 -5.66 10.72 -2.07
C ARG A 35 -5.42 10.72 -3.57
N PHE A 36 -5.42 9.51 -4.14
CA PHE A 36 -5.26 9.28 -5.58
C PHE A 36 -6.43 8.42 -6.06
N ASP A 37 -6.99 8.79 -7.21
CA ASP A 37 -8.06 8.01 -7.83
C ASP A 37 -7.83 7.95 -9.34
N SER A 38 -7.67 6.74 -9.85
CA SER A 38 -7.36 6.51 -11.26
C SER A 38 -8.50 6.94 -12.18
N ASP A 39 -9.70 7.05 -11.61
CA ASP A 39 -10.90 7.40 -12.37
C ASP A 39 -11.08 8.90 -12.56
N ALA A 40 -10.26 9.70 -11.86
CA ALA A 40 -10.33 11.16 -11.96
C ALA A 40 -9.97 11.61 -13.37
N GLU A 41 -10.44 12.80 -13.75
CA GLU A 41 -10.18 13.35 -15.08
C GLU A 41 -8.69 13.32 -15.45
N ASN A 42 -7.85 13.90 -14.59
CA ASN A 42 -6.42 13.61 -14.68
C ASN A 42 -5.89 13.13 -13.33
N PRO A 43 -5.60 11.82 -13.25
CA PRO A 43 -5.19 11.18 -12.00
C PRO A 43 -3.87 11.72 -11.44
N ARG A 44 -3.94 12.25 -10.22
CA ARG A 44 -2.77 12.73 -9.48
C ARG A 44 -3.10 12.59 -8.01
N TYR A 45 -2.07 12.53 -7.16
CA TYR A 45 -2.31 12.64 -5.74
C TYR A 45 -2.75 14.06 -5.46
N GLU A 46 -3.74 14.24 -4.58
CA GLU A 46 -4.20 15.58 -4.22
C GLU A 46 -4.18 15.71 -2.69
N PRO A 47 -3.84 16.91 -2.18
CA PRO A 47 -3.96 17.14 -0.73
C PRO A 47 -5.42 17.17 -0.32
N GLN A 48 -5.75 16.54 0.80
CA GLN A 48 -7.12 16.47 1.28
C GLN A 48 -7.32 17.39 2.49
N VAL A 49 -6.21 17.99 2.93
CA VAL A 49 -6.23 18.94 4.05
C VAL A 49 -5.31 20.11 3.75
N PRO A 50 -5.61 21.29 4.32
CA PRO A 50 -4.83 22.49 4.01
C PRO A 50 -3.35 22.42 4.44
N TRP A 51 -3.00 21.73 5.53
CA TRP A 51 -1.58 21.66 5.92
C TRP A 51 -0.67 20.90 4.94
N MET A 52 -1.28 20.22 3.96
CA MET A 52 -0.50 19.51 2.95
C MET A 52 -0.14 20.41 1.77
N GLU A 53 -0.76 21.58 1.69
CA GLU A 53 -0.47 22.51 0.60
C GLU A 53 0.93 23.14 0.79
N GLN A 54 1.60 22.78 1.90
CA GLN A 54 2.96 23.21 2.16
C GLN A 54 3.98 22.48 1.28
N GLU A 55 3.60 21.33 0.72
CA GLU A 55 4.52 20.59 -0.14
C GLU A 55 4.53 21.17 -1.55
N GLY A 56 5.72 21.35 -2.11
CA GLY A 56 5.86 21.92 -3.43
C GLY A 56 5.46 20.96 -4.53
N PRO A 57 5.46 21.43 -5.79
CA PRO A 57 5.03 20.66 -6.96
C PRO A 57 5.85 19.39 -7.14
N GLU A 58 7.13 19.43 -6.80
CA GLU A 58 7.99 18.24 -6.95
C GLU A 58 7.48 17.05 -6.12
N TYR A 59 7.05 17.33 -4.89
CA TYR A 59 6.48 16.31 -4.01
C TYR A 59 5.31 15.61 -4.70
N TRP A 60 4.39 16.42 -5.22
CA TRP A 60 3.17 15.89 -5.83
C TRP A 60 3.47 15.09 -7.09
N GLU A 61 4.33 15.64 -7.93
CA GLU A 61 4.80 14.93 -9.14
C GLU A 61 5.38 13.55 -8.79
N ARG A 62 6.29 13.55 -7.81
CA ARG A 62 6.94 12.32 -7.37
C ARG A 62 5.96 11.25 -6.85
N ILE A 63 5.12 11.64 -5.89
CA ILE A 63 4.24 10.62 -5.32
C ILE A 63 3.18 10.18 -6.34
N THR A 64 2.88 11.07 -7.29
CA THR A 64 1.96 10.70 -8.37
C THR A 64 2.58 9.61 -9.25
N GLN A 65 3.87 9.77 -9.57
CA GLN A 65 4.54 8.71 -10.31
C GLN A 65 4.60 7.39 -9.52
N ILE A 66 4.79 7.47 -8.19
CA ILE A 66 4.68 6.25 -7.39
C ILE A 66 3.30 5.58 -7.57
N ALA A 67 2.25 6.39 -7.54
CA ALA A 67 0.91 5.83 -7.79
C ALA A 67 0.81 5.15 -9.16
N LYS A 68 1.41 5.79 -10.17
CA LYS A 68 1.43 5.24 -11.53
C LYS A 68 2.09 3.86 -11.55
N GLY A 69 3.21 3.72 -10.86
CA GLY A 69 3.85 2.41 -10.76
C GLY A 69 3.01 1.37 -10.03
N GLN A 70 2.37 1.83 -8.97
CA GLN A 70 1.50 0.94 -8.19
C GLN A 70 0.34 0.41 -9.02
N GLU A 71 -0.21 1.24 -9.91
CA GLU A 71 -1.28 0.78 -10.80
C GLU A 71 -0.88 -0.48 -11.55
N GLN A 72 0.31 -0.42 -12.14
CA GLN A 72 0.87 -1.53 -12.90
C GLN A 72 1.08 -2.76 -12.01
N TRP A 73 1.67 -2.55 -10.84
CA TRP A 73 1.84 -3.64 -9.87
C TRP A 73 0.51 -4.35 -9.56
N PHE A 74 -0.54 -3.57 -9.29
CA PHE A 74 -1.85 -4.13 -9.00
C PHE A 74 -2.44 -4.89 -10.19
N ARG A 75 -2.30 -4.33 -11.40
CA ARG A 75 -2.74 -5.02 -12.62
C ARG A 75 -2.16 -6.45 -12.76
N VAL A 76 -0.83 -6.47 -12.67
CA VAL A 76 -0.10 -7.74 -12.78
C VAL A 76 -0.51 -8.72 -11.70
N ASN A 77 -0.58 -8.25 -10.46
CA ASN A 77 -0.88 -9.17 -9.38
C ASN A 77 -2.34 -9.65 -9.27
N LEU A 78 -3.28 -8.83 -9.73
CA LEU A 78 -4.64 -9.30 -9.91
C LEU A 78 -4.63 -10.47 -10.87
N ARG A 79 -3.89 -10.31 -11.98
CA ARG A 79 -3.82 -11.46 -12.91
C ARG A 79 -3.23 -12.73 -12.25
N THR A 80 -2.16 -12.51 -11.48
CA THR A 80 -1.49 -13.65 -10.84
C THR A 80 -2.44 -14.38 -9.91
N LEU A 81 -3.22 -13.62 -9.15
CA LEU A 81 -4.13 -14.27 -8.19
C LEU A 81 -5.29 -14.95 -8.88
N LEU A 82 -5.75 -14.40 -10.01
CA LEU A 82 -6.71 -15.14 -10.83
C LEU A 82 -6.14 -16.51 -11.09
N GLY A 83 -4.85 -16.54 -11.43
CA GLY A 83 -4.19 -17.83 -11.62
C GLY A 83 -4.16 -18.72 -10.39
N TYR A 84 -3.73 -18.19 -9.25
CA TYR A 84 -3.59 -19.00 -8.03
C TYR A 84 -4.91 -19.59 -7.55
N TYR A 85 -5.99 -18.83 -7.67
CA TYR A 85 -7.28 -19.31 -7.20
C TYR A 85 -8.14 -19.98 -8.27
N ASN A 86 -7.52 -20.23 -9.43
CA ASN A 86 -8.19 -20.85 -10.57
CA ASN A 86 -8.20 -20.88 -10.53
C ASN A 86 -9.54 -20.23 -10.88
N GLN A 87 -9.58 -18.92 -10.91
CA GLN A 87 -10.81 -18.21 -11.23
C GLN A 87 -10.81 -17.84 -12.69
N SER A 88 -12.00 -17.81 -13.27
CA SER A 88 -12.13 -17.48 -14.68
C SER A 88 -11.98 -15.99 -14.91
N ALA A 89 -11.40 -15.62 -16.05
CA ALA A 89 -11.24 -14.22 -16.37
C ALA A 89 -12.61 -13.65 -16.73
N GLY A 90 -12.73 -12.32 -16.64
CA GLY A 90 -13.97 -11.67 -16.99
C GLY A 90 -14.77 -11.29 -15.78
N GLY A 91 -14.34 -11.77 -14.61
CA GLY A 91 -15.04 -11.47 -13.38
C GLY A 91 -14.59 -10.19 -12.71
N THR A 92 -15.17 -9.91 -11.53
CA THR A 92 -14.83 -8.71 -10.78
C THR A 92 -14.10 -9.10 -9.51
N HIS A 93 -12.89 -8.57 -9.36
CA HIS A 93 -12.04 -8.90 -8.22
C HIS A 93 -11.33 -7.68 -7.69
N THR A 94 -11.01 -7.71 -6.40
CA THR A 94 -10.35 -6.57 -5.77
C THR A 94 -9.12 -7.03 -5.02
N LEU A 95 -8.04 -6.27 -5.13
CA LEU A 95 -6.84 -6.54 -4.38
C LEU A 95 -6.55 -5.29 -3.55
N GLN A 96 -6.25 -5.50 -2.28
CA GLN A 96 -6.01 -4.38 -1.36
CA GLN A 96 -6.03 -4.38 -1.37
C GLN A 96 -4.68 -4.54 -0.67
N ARG A 97 -4.06 -3.40 -0.37
CA ARG A 97 -2.84 -3.33 0.42
C ARG A 97 -2.99 -2.24 1.48
N MET A 98 -2.57 -2.55 2.70
CA MET A 98 -2.49 -1.55 3.76
CA MET A 98 -2.49 -1.54 3.75
C MET A 98 -1.08 -1.55 4.32
N TYR A 99 -0.49 -0.38 4.47
CA TYR A 99 0.83 -0.34 5.11
C TYR A 99 1.01 0.96 5.87
N GLY A 100 2.03 0.98 6.71
CA GLY A 100 2.34 2.19 7.45
C GLY A 100 2.93 1.90 8.82
N CYS A 101 2.89 2.91 9.69
CA CYS A 101 3.63 2.84 10.93
C CYS A 101 2.91 3.53 12.09
N ASP A 102 3.14 2.99 13.28
CA ASP A 102 2.77 3.63 14.55
C ASP A 102 4.09 3.96 15.22
N VAL A 103 4.19 5.20 15.69
CA VAL A 103 5.34 5.66 16.47
C VAL A 103 4.90 6.11 17.87
N GLY A 104 5.82 6.01 18.84
CA GLY A 104 5.53 6.37 20.22
C GLY A 104 5.71 7.85 20.53
N SER A 105 5.46 8.23 21.79
CA SER A 105 5.74 9.58 22.28
C SER A 105 7.17 9.93 21.92
N ASP A 106 8.03 8.95 22.17
CA ASP A 106 9.46 8.97 21.87
C ASP A 106 9.76 9.31 20.40
N GLY A 107 8.77 9.16 19.53
CA GLY A 107 8.96 9.42 18.11
C GLY A 107 9.59 8.24 17.38
N ARG A 108 9.64 7.09 18.05
CA ARG A 108 10.26 5.93 17.47
C ARG A 108 9.24 4.88 17.06
N LEU A 109 9.61 4.07 16.08
CA LEU A 109 8.70 3.05 15.54
C LEU A 109 8.20 2.10 16.63
N LEU A 110 6.88 2.03 16.78
CA LEU A 110 6.23 1.09 17.71
C LEU A 110 5.76 -0.15 16.94
N ARG A 111 5.23 0.06 15.74
CA ARG A 111 4.73 -1.07 14.96
C ARG A 111 4.68 -0.73 13.49
N GLY A 112 5.14 -1.63 12.63
CA GLY A 112 5.01 -1.47 11.19
C GLY A 112 3.96 -2.43 10.63
N TYR A 113 3.36 -2.05 9.50
CA TYR A 113 2.32 -2.84 8.84
C TYR A 113 2.59 -2.91 7.34
N GLU A 114 2.35 -4.09 6.78
CA GLU A 114 2.44 -4.35 5.34
C GLU A 114 1.58 -5.58 5.09
N GLN A 115 0.38 -5.39 4.55
CA GLN A 115 -0.51 -6.53 4.42
C GLN A 115 -1.47 -6.43 3.26
N PHE A 116 -1.83 -7.59 2.71
CA PHE A 116 -2.56 -7.67 1.47
C PHE A 116 -3.78 -8.57 1.63
N ALA A 117 -4.87 -8.17 0.96
CA ALA A 117 -6.12 -8.89 1.01
C ALA A 117 -6.70 -9.01 -0.40
N TYR A 118 -7.27 -10.16 -0.71
CA TYR A 118 -7.84 -10.41 -2.02
C TYR A 118 -9.30 -10.78 -1.90
N ASP A 119 -10.12 -10.07 -2.66
CA ASP A 119 -11.57 -10.26 -2.63
C ASP A 119 -12.11 -10.22 -1.20
N GLY A 120 -11.53 -9.31 -0.40
CA GLY A 120 -12.01 -9.08 0.95
C GLY A 120 -11.60 -10.17 1.92
N CYS A 121 -10.62 -10.98 1.51
CA CYS A 121 -10.10 -12.05 2.37
C CYS A 121 -8.61 -11.80 2.59
N ASP A 122 -8.12 -12.03 3.80
CA ASP A 122 -6.69 -11.90 4.05
C ASP A 122 -5.89 -12.76 3.06
N TYR A 123 -4.76 -12.26 2.60
CA TYR A 123 -3.92 -13.01 1.68
C TYR A 123 -2.57 -13.22 2.37
N ILE A 124 -1.79 -12.15 2.49
CA ILE A 124 -0.48 -12.31 3.17
C ILE A 124 -0.22 -11.08 4.02
N ALA A 125 0.39 -11.26 5.19
CA ALA A 125 0.62 -10.13 6.08
C ALA A 125 1.99 -10.22 6.72
N LEU A 126 2.69 -9.08 6.77
CA LEU A 126 3.94 -9.00 7.53
C LEU A 126 3.66 -9.01 9.03
N ASN A 127 4.30 -9.93 9.75
CA ASN A 127 4.11 -10.07 11.19
C ASN A 127 4.75 -8.91 11.96
N GLU A 128 4.43 -8.77 13.25
CA GLU A 128 4.92 -7.66 14.04
C GLU A 128 6.46 -7.61 14.08
N ASP A 129 7.10 -8.76 13.97
CA ASP A 129 8.56 -8.81 13.98
C ASP A 129 9.19 -8.15 12.74
N LEU A 130 8.35 -7.86 11.74
CA LEU A 130 8.78 -7.29 10.45
C LEU A 130 9.81 -8.19 9.77
N ARG A 131 9.72 -9.50 10.04
CA ARG A 131 10.69 -10.45 9.52
C ARG A 131 10.03 -11.71 8.92
N THR A 132 8.84 -12.03 9.39
CA THR A 132 8.17 -13.28 9.00
C THR A 132 6.77 -12.98 8.49
N TRP A 133 6.21 -13.93 7.74
CA TRP A 133 4.93 -13.69 7.06
C TRP A 133 3.84 -14.65 7.50
N THR A 134 2.63 -14.11 7.66
CA THR A 134 1.46 -14.94 7.86
C THR A 134 0.76 -15.11 6.51
N ALA A 135 0.65 -16.36 6.07
CA ALA A 135 -0.05 -16.67 4.81
C ALA A 135 -1.42 -17.22 5.15
N ALA A 136 -2.46 -16.59 4.62
CA ALA A 136 -3.82 -16.91 5.04
C ALA A 136 -4.32 -18.26 4.50
N ASP A 137 -3.78 -18.70 3.36
CA ASP A 137 -4.27 -19.92 2.74
C ASP A 137 -3.16 -20.54 1.89
N MET A 138 -3.48 -21.61 1.17
CA MET A 138 -2.47 -22.30 0.36
C MET A 138 -1.89 -21.47 -0.79
N ALA A 139 -2.73 -20.66 -1.44
CA ALA A 139 -2.27 -19.77 -2.50
C ALA A 139 -1.23 -18.79 -1.96
N ALA A 140 -1.52 -18.21 -0.80
CA ALA A 140 -0.62 -17.21 -0.22
C ALA A 140 0.70 -17.85 0.18
N GLN A 141 0.71 -19.14 0.46
CA GLN A 141 1.96 -19.85 0.72
C GLN A 141 2.92 -19.82 -0.49
N ILE A 142 2.39 -19.84 -1.71
CA ILE A 142 3.25 -19.69 -2.89
C ILE A 142 4.03 -18.36 -2.85
N THR A 143 3.28 -17.29 -2.61
CA THR A 143 3.87 -15.97 -2.49
C THR A 143 4.84 -15.95 -1.33
N ARG A 144 4.47 -16.53 -0.20
CA ARG A 144 5.36 -16.50 0.96
C ARG A 144 6.67 -17.19 0.66
N ARG A 145 6.65 -18.31 -0.05
CA ARG A 145 7.91 -18.97 -0.37
C ARG A 145 8.76 -18.06 -1.24
N LYS A 146 8.12 -17.47 -2.27
CA LYS A 146 8.88 -16.50 -3.09
C LYS A 146 9.46 -15.32 -2.28
N TRP A 147 8.66 -14.78 -1.37
CA TRP A 147 9.02 -13.58 -0.62
C TRP A 147 10.06 -13.86 0.46
N GLU A 148 10.01 -15.04 1.08
CA GLU A 148 11.07 -15.44 2.00
C GLU A 148 12.35 -15.54 1.22
N GLN A 149 12.31 -16.20 0.05
CA GLN A 149 13.59 -16.30 -0.66
C GLN A 149 14.12 -14.97 -1.22
N ALA A 150 13.24 -14.02 -1.53
CA ALA A 150 13.67 -12.75 -2.13
C ALA A 150 14.01 -11.66 -1.11
N GLY A 151 13.78 -11.94 0.18
CA GLY A 151 14.09 -10.98 1.22
C GLY A 151 13.11 -9.82 1.24
N ALA A 152 11.87 -10.09 0.86
CA ALA A 152 10.85 -9.06 0.77
C ALA A 152 10.64 -8.34 2.11
N ALA A 153 10.73 -9.10 3.20
CA ALA A 153 10.49 -8.53 4.52
C ALA A 153 11.51 -7.41 4.81
N GLU A 154 12.77 -7.64 4.48
CA GLU A 154 13.82 -6.62 4.64
C GLU A 154 13.53 -5.39 3.79
N TYR A 155 13.06 -5.61 2.57
CA TYR A 155 12.66 -4.54 1.67
C TYR A 155 11.60 -3.63 2.30
N TYR A 156 10.51 -4.24 2.78
CA TYR A 156 9.45 -3.45 3.42
C TYR A 156 9.93 -2.81 4.72
N ARG A 157 10.73 -3.54 5.49
CA ARG A 157 11.27 -3.03 6.75
C ARG A 157 12.11 -1.78 6.52
N ALA A 158 12.82 -1.74 5.39
CA ALA A 158 13.61 -0.54 5.07
C ALA A 158 12.75 0.73 4.99
N TYR A 159 11.58 0.61 4.37
CA TYR A 159 10.63 1.72 4.34
C TYR A 159 10.01 1.97 5.71
N LEU A 160 9.55 0.89 6.35
CA LEU A 160 8.81 1.03 7.61
C LEU A 160 9.64 1.69 8.72
N GLU A 161 10.93 1.35 8.78
CA GLU A 161 11.80 1.89 9.81
C GLU A 161 12.49 3.18 9.39
N GLY A 162 12.46 3.49 8.10
CA GLY A 162 13.13 4.68 7.59
C GLY A 162 12.17 5.77 7.16
N GLU A 163 11.82 5.76 5.88
CA GLU A 163 10.91 6.73 5.29
C GLU A 163 9.60 6.93 6.04
N CYS A 164 8.93 5.85 6.43
CA CYS A 164 7.62 5.96 7.05
C CYS A 164 7.64 6.89 8.28
N VAL A 165 8.58 6.63 9.19
CA VAL A 165 8.71 7.42 10.41
C VAL A 165 9.08 8.88 10.13
N GLU A 166 10.04 9.08 9.23
CA GLU A 166 10.51 10.42 8.89
C GLU A 166 9.38 11.27 8.34
N TRP A 167 8.69 10.71 7.33
CA TRP A 167 7.59 11.40 6.69
C TRP A 167 6.46 11.67 7.67
N LEU A 168 6.14 10.69 8.52
CA LEU A 168 5.15 10.93 9.56
C LEU A 168 5.54 12.14 10.40
N HIS A 169 6.80 12.20 10.83
CA HIS A 169 7.18 13.37 11.62
C HIS A 169 7.11 14.70 10.85
N ARG A 170 7.46 14.67 9.56
N ARG A 170 7.47 14.66 9.56
CA ARG A 170 7.36 15.86 8.73
CA ARG A 170 7.37 15.86 8.72
C ARG A 170 5.92 16.33 8.60
C ARG A 170 5.92 16.33 8.59
N TYR A 171 5.00 15.39 8.42
CA TYR A 171 3.59 15.72 8.31
C TYR A 171 3.04 16.22 9.64
N LEU A 172 3.55 15.69 10.74
CA LEU A 172 3.10 16.15 12.07
C LEU A 172 3.58 17.57 12.30
N LYS A 173 4.74 17.91 11.73
CA LYS A 173 5.27 19.28 11.80
C LYS A 173 4.46 20.22 10.89
N ASN A 174 4.15 19.76 9.67
CA ASN A 174 3.31 20.50 8.73
C ASN A 174 1.96 20.87 9.33
N GLY A 175 1.36 19.92 10.04
CA GLY A 175 0.04 20.11 10.62
C GLY A 175 -0.01 21.08 11.79
N SER B 1 4.79 9.88 2.64
CA SER B 1 4.98 9.53 1.24
C SER B 1 4.74 8.04 1.05
N PRO B 2 4.00 7.68 -0.01
CA PRO B 2 3.69 6.26 -0.23
C PRO B 2 4.89 5.47 -0.75
N SER B 3 4.74 4.14 -0.80
CA SER B 3 5.87 3.28 -1.16
C SER B 3 5.47 2.28 -2.24
N TYR B 4 6.46 1.68 -2.90
CA TYR B 4 6.18 0.64 -3.87
C TYR B 4 6.01 -0.72 -3.20
N ALA B 5 5.07 -1.52 -3.72
CA ALA B 5 4.93 -2.91 -3.28
C ALA B 5 6.09 -3.73 -3.86
N TYR B 6 6.37 -3.50 -5.14
CA TYR B 6 7.51 -4.08 -5.85
C TYR B 6 7.51 -5.61 -6.05
N HIS B 7 7.57 -6.35 -4.95
CA HIS B 7 7.65 -7.81 -5.02
C HIS B 7 6.40 -8.44 -5.65
N GLN B 8 6.61 -9.39 -6.56
CA GLN B 8 5.49 -10.01 -7.28
C GLN B 8 4.91 -11.16 -6.47
N PHE B 9 3.58 -11.29 -6.48
CA PHE B 9 2.93 -12.43 -5.84
C PHE B 9 3.36 -13.75 -6.47
#